data_4F3Y
#
_entry.id   4F3Y
#
_cell.length_a   69.740
_cell.length_b   158.370
_cell.length_c   70.440
_cell.angle_alpha   90.00
_cell.angle_beta   130.00
_cell.angle_gamma   90.00
#
_symmetry.space_group_name_H-M   'C 1 2 1'
#
loop_
_entity.id
_entity.type
_entity.pdbx_description
1 polymer 'Dihydrodipicolinate reductase'
2 non-polymer 'SODIUM ION'
3 non-polymer 'CHLORIDE ION'
4 non-polymer 'UNKNOWN LIGAND'
5 water water
#
_entity_poly.entity_id   1
_entity_poly.type   'polypeptide(L)'
_entity_poly.pdbx_seq_one_letter_code
;GPGSMSSMKIAIAGASGRMGRMLIEAVLAAPDATLVGALDRTGSPQLGQDAGAFLGKQTGVALTDDIERVCAEADYLIDF
TLPEGTLVHLDAALRHDVKLVIGTTGFSEPQKAQLRAAGEKIALVFSANMSVGVNVTMKLLEFAAKQFAQGYDIEIIEAH
HRHKVDAPSGTALMMGETIAAATGRSLDDCAVYGRHGVTGERDPSTIGFSAIRGGDIVGDHTVLFAGIGERIEITHKSAS
RVSYAQGALRAARFLAGRDAGFFDMQDVLGLR
;
_entity_poly.pdbx_strand_id   A,B
#
loop_
_chem_comp.id
_chem_comp.type
_chem_comp.name
_chem_comp.formula
CL non-polymer 'CHLORIDE ION' 'Cl -1'
NA non-polymer 'SODIUM ION' 'Na 1'
UNX non-polymer 'UNKNOWN ATOM OR ION' ?
#
# COMPACT_ATOMS: atom_id res chain seq x y z
N SER A 6 10.02 12.77 32.45
CA SER A 6 9.87 12.34 31.02
C SER A 6 8.68 12.98 30.28
N SER A 7 7.98 13.92 30.93
CA SER A 7 6.65 14.36 30.48
C SER A 7 6.56 15.77 29.83
N MET A 8 6.19 15.81 28.56
CA MET A 8 6.19 17.03 27.75
C MET A 8 5.17 18.07 28.22
N LYS A 9 5.68 19.25 28.57
CA LYS A 9 4.84 20.35 29.04
C LYS A 9 4.36 21.15 27.83
N ILE A 10 3.10 20.91 27.44
CA ILE A 10 2.59 21.36 26.16
C ILE A 10 1.51 22.43 26.30
N ALA A 11 1.63 23.48 25.48
CA ALA A 11 0.56 24.48 25.33
C ALA A 11 -0.10 24.31 23.96
N ILE A 12 -1.39 24.63 23.91
CA ILE A 12 -2.15 24.51 22.66
C ILE A 12 -2.69 25.88 22.27
N ALA A 13 -2.52 26.24 20.99
CA ALA A 13 -3.00 27.50 20.45
C ALA A 13 -4.42 27.32 19.90
N GLY A 14 -5.17 28.41 19.83
CA GLY A 14 -6.55 28.30 19.29
C GLY A 14 -7.34 27.30 20.09
N ALA A 15 -7.28 27.45 21.40
CA ALA A 15 -7.79 26.45 22.33
C ALA A 15 -9.32 26.34 22.28
N SER A 16 -10.00 27.36 21.77
CA SER A 16 -11.46 27.29 21.59
C SER A 16 -11.88 26.75 20.24
N GLY A 17 -10.95 26.66 19.30
CA GLY A 17 -11.25 26.14 17.96
C GLY A 17 -11.46 24.64 17.98
N ARG A 18 -12.03 24.09 16.90
CA ARG A 18 -12.27 22.66 16.81
C ARG A 18 -10.94 21.92 16.87
N MET A 19 -9.93 22.42 16.15
CA MET A 19 -8.63 21.74 16.16
C MET A 19 -7.98 21.81 17.53
N GLY A 20 -7.98 23.01 18.12
CA GLY A 20 -7.39 23.19 19.45
C GLY A 20 -8.01 22.24 20.47
N ARG A 21 -9.34 22.07 20.40
CA ARG A 21 -10.04 21.14 21.28
C ARG A 21 -9.60 19.68 21.06
N MET A 22 -9.42 19.29 19.80
CA MET A 22 -8.90 17.96 19.54
C MET A 22 -7.49 17.84 20.10
N LEU A 23 -6.69 18.89 19.96
CA LEU A 23 -5.30 18.83 20.43
C LEU A 23 -5.27 18.73 21.95
N ILE A 24 -6.14 19.51 22.62
CA ILE A 24 -6.30 19.39 24.07
C ILE A 24 -6.68 17.96 24.51
N GLU A 25 -7.67 17.36 23.86
CA GLU A 25 -8.01 16.01 24.29
C GLU A 25 -6.86 15.02 24.05
N ALA A 26 -6.12 15.18 22.95
CA ALA A 26 -4.95 14.37 22.68
C ALA A 26 -3.86 14.56 23.76
N VAL A 27 -3.55 15.82 24.11
CA VAL A 27 -2.53 16.05 25.14
C VAL A 27 -2.95 15.40 26.46
N LEU A 28 -4.23 15.55 26.84
CA LEU A 28 -4.70 15.06 28.12
C LEU A 28 -4.58 13.57 28.18
N ALA A 29 -4.88 12.91 27.06
CA ALA A 29 -4.89 11.45 26.96
C ALA A 29 -3.50 10.87 26.84
N ALA A 30 -2.59 11.57 26.17
CA ALA A 30 -1.21 11.08 26.05
C ALA A 30 -0.62 10.86 27.43
N PRO A 31 -0.06 9.67 27.68
CA PRO A 31 0.47 9.36 29.01
C PRO A 31 1.75 10.16 29.30
N ASP A 32 2.46 10.59 28.26
CA ASP A 32 3.75 11.27 28.41
C ASP A 32 3.67 12.78 28.09
N ALA A 33 2.47 13.36 28.22
CA ALA A 33 2.29 14.81 28.10
C ALA A 33 1.37 15.41 29.13
N THR A 34 1.63 16.64 29.51
CA THR A 34 0.70 17.38 30.35
C THR A 34 0.39 18.72 29.67
N LEU A 35 -0.87 19.11 29.77
CA LEU A 35 -1.31 20.39 29.27
C LEU A 35 -0.97 21.47 30.30
N VAL A 36 -0.16 22.45 29.92
CA VAL A 36 0.23 23.51 30.86
C VAL A 36 -0.21 24.91 30.40
N GLY A 37 -0.70 25.04 29.17
CA GLY A 37 -1.15 26.35 28.69
C GLY A 37 -2.19 26.16 27.59
N ALA A 38 -3.10 27.14 27.45
CA ALA A 38 -4.15 27.10 26.42
C ALA A 38 -4.48 28.53 25.96
N LEU A 39 -4.10 28.85 24.73
CA LEU A 39 -4.19 30.23 24.25
C LEU A 39 -5.40 30.39 23.38
N ASP A 40 -5.99 31.57 23.43
CA ASP A 40 -7.04 31.95 22.51
C ASP A 40 -6.77 33.41 22.15
N ARG A 41 -7.39 33.91 21.10
CA ARG A 41 -7.17 35.30 20.71
C ARG A 41 -7.55 36.29 21.82
N THR A 42 -6.86 37.43 21.86
CA THR A 42 -7.25 38.54 22.69
C THR A 42 -8.70 38.92 22.38
N GLY A 43 -9.48 39.14 23.44
CA GLY A 43 -10.89 39.51 23.34
C GLY A 43 -11.84 38.35 23.13
N SER A 44 -11.33 37.12 23.10
CA SER A 44 -12.21 35.95 22.93
C SER A 44 -13.20 35.86 24.10
N PRO A 45 -14.50 35.60 23.80
CA PRO A 45 -15.49 35.41 24.88
C PRO A 45 -15.09 34.30 25.85
N GLN A 46 -14.29 33.36 25.37
CA GLN A 46 -13.95 32.15 26.10
C GLN A 46 -12.80 32.29 27.10
N LEU A 47 -12.06 33.39 27.03
CA LEU A 47 -10.95 33.62 27.96
C LEU A 47 -11.39 33.44 29.42
N GLY A 48 -10.60 32.71 30.20
CA GLY A 48 -10.97 32.45 31.59
C GLY A 48 -11.58 31.07 31.83
N GLN A 49 -12.20 30.48 30.81
CA GLN A 49 -12.74 29.12 30.91
C GLN A 49 -11.64 28.10 31.06
N ASP A 50 -11.94 27.00 31.73
CA ASP A 50 -11.03 25.88 31.83
C ASP A 50 -10.89 25.24 30.44
N ALA A 51 -9.65 24.94 30.02
CA ALA A 51 -9.40 24.33 28.74
C ALA A 51 -10.17 23.05 28.48
N GLY A 52 -10.49 22.32 29.54
CA GLY A 52 -11.15 21.03 29.40
C GLY A 52 -12.64 21.09 29.66
N ALA A 53 -13.18 22.30 29.80
CA ALA A 53 -14.61 22.44 30.13
C ALA A 53 -15.52 21.80 29.07
N PHE A 54 -15.09 21.82 27.82
CA PHE A 54 -15.84 21.18 26.73
C PHE A 54 -15.94 19.67 26.92
N LEU A 55 -14.88 19.06 27.47
CA LEU A 55 -14.86 17.64 27.81
C LEU A 55 -15.35 17.58 29.24
N GLY A 56 -15.14 16.45 29.91
CA GLY A 56 -15.64 16.38 31.28
C GLY A 56 -14.82 17.08 32.36
N LYS A 57 -13.66 17.62 31.97
CA LYS A 57 -12.54 17.77 32.91
C LYS A 57 -12.14 19.19 33.31
N GLN A 58 -11.90 19.35 34.61
CA GLN A 58 -11.26 20.54 35.15
C GLN A 58 -9.75 20.32 35.16
N THR A 59 -9.09 20.79 34.09
CA THR A 59 -7.65 20.66 33.92
C THR A 59 -6.89 21.65 34.81
N GLY A 60 -7.58 22.68 35.29
CA GLY A 60 -6.92 23.76 36.03
C GLY A 60 -6.10 24.67 35.12
N VAL A 61 -6.21 24.48 33.81
CA VAL A 61 -5.59 25.36 32.84
C VAL A 61 -6.68 26.26 32.24
N ALA A 62 -6.63 27.55 32.57
CA ALA A 62 -7.57 28.54 32.03
C ALA A 62 -7.12 29.11 30.67
N LEU A 63 -8.06 29.18 29.72
CA LEU A 63 -7.82 29.84 28.43
C LEU A 63 -7.38 31.27 28.66
N THR A 64 -6.27 31.65 28.05
CA THR A 64 -5.72 32.98 28.23
C THR A 64 -5.25 33.54 26.89
N ASP A 65 -5.09 34.86 26.79
CA ASP A 65 -4.50 35.50 25.63
C ASP A 65 -3.07 35.99 25.91
N ASP A 66 -2.52 35.58 27.05
CA ASP A 66 -1.20 36.04 27.45
C ASP A 66 -0.17 35.08 26.86
N ILE A 67 0.25 35.40 25.64
CA ILE A 67 1.19 34.58 24.87
C ILE A 67 2.52 34.45 25.59
N GLU A 68 2.99 35.56 26.16
CA GLU A 68 4.25 35.59 26.90
C GLU A 68 4.32 34.59 28.07
N ARG A 69 3.27 34.57 28.90
CA ARG A 69 3.26 33.69 30.07
C ARG A 69 3.17 32.22 29.65
N VAL A 70 2.30 31.92 28.68
CA VAL A 70 2.17 30.58 28.16
C VAL A 70 3.50 30.08 27.57
N CYS A 71 4.18 30.89 26.77
CA CYS A 71 5.46 30.48 26.22
C CYS A 71 6.51 30.33 27.33
N ALA A 72 6.47 31.21 28.34
CA ALA A 72 7.37 31.05 29.48
C ALA A 72 7.16 29.71 30.20
N GLU A 73 5.90 29.30 30.37
CA GLU A 73 5.59 28.11 31.17
C GLU A 73 5.62 26.78 30.38
N ALA A 74 5.43 26.86 29.07
CA ALA A 74 5.43 25.67 28.23
C ALA A 74 6.80 25.36 27.60
N ASP A 75 7.07 24.09 27.35
CA ASP A 75 8.22 23.68 26.56
C ASP A 75 7.87 23.45 25.08
N TYR A 76 6.59 23.22 24.83
CA TYR A 76 6.11 22.97 23.46
C TYR A 76 4.85 23.81 23.25
N LEU A 77 4.69 24.33 22.04
CA LEU A 77 3.42 24.93 21.60
C LEU A 77 2.98 24.25 20.32
N ILE A 78 1.75 23.77 20.28
CA ILE A 78 1.20 23.18 19.07
C ILE A 78 0.15 24.14 18.49
N ASP A 79 0.35 24.49 17.23
CA ASP A 79 -0.35 25.61 16.63
C ASP A 79 -0.93 25.23 15.28
N PHE A 80 -2.26 25.04 15.25
CA PHE A 80 -3.01 24.86 14.00
C PHE A 80 -4.02 26.03 13.91
N THR A 81 -3.59 27.25 13.61
CA THR A 81 -4.53 28.39 13.60
C THR A 81 -4.47 29.13 12.29
N LEU A 82 -3.96 30.35 12.31
CA LEU A 82 -3.93 31.19 11.12
C LEU A 82 -2.52 31.75 10.98
N PRO A 83 -2.03 31.92 9.72
CA PRO A 83 -0.66 32.33 9.43
C PRO A 83 -0.21 33.56 10.20
N GLU A 84 -1.00 34.64 10.18
CA GLU A 84 -0.62 35.84 10.96
C GLU A 84 -0.67 35.59 12.48
N GLY A 85 -1.53 34.69 12.92
CA GLY A 85 -1.58 34.34 14.34
C GLY A 85 -0.33 33.58 14.74
N THR A 86 0.03 32.59 13.91
CA THR A 86 1.22 31.77 14.13
C THR A 86 2.51 32.59 14.16
N LEU A 87 2.61 33.60 13.30
CA LEU A 87 3.79 34.48 13.26
C LEU A 87 3.97 35.34 14.53
N VAL A 88 2.85 35.76 15.13
CA VAL A 88 2.87 36.36 16.45
C VAL A 88 3.40 35.34 17.49
N HIS A 89 2.87 34.12 17.45
CA HIS A 89 3.35 33.03 18.31
C HIS A 89 4.82 32.69 18.09
N LEU A 90 5.26 32.77 16.82
CA LEU A 90 6.64 32.47 16.46
C LEU A 90 7.63 33.35 17.23
N ASP A 91 7.32 34.64 17.34
CA ASP A 91 8.25 35.58 17.97
C ASP A 91 8.38 35.28 19.46
N ALA A 92 7.26 35.02 20.13
CA ALA A 92 7.27 34.59 21.51
C ALA A 92 8.06 33.26 21.66
N ALA A 93 7.82 32.33 20.75
CA ALA A 93 8.45 31.00 20.78
C ALA A 93 9.96 31.13 20.73
N LEU A 94 10.44 32.06 19.90
CA LEU A 94 11.88 32.34 19.78
C LEU A 94 12.45 32.95 21.04
N ARG A 95 11.79 33.95 21.60
CA ARG A 95 12.32 34.63 22.78
C ARG A 95 12.30 33.71 23.99
N HIS A 96 11.39 32.73 24.00
CA HIS A 96 11.16 31.84 25.16
C HIS A 96 11.69 30.47 24.96
N ASP A 97 12.31 30.24 23.82
CA ASP A 97 12.90 28.94 23.46
C ASP A 97 11.91 27.76 23.50
N VAL A 98 10.74 27.93 22.88
CA VAL A 98 9.70 26.93 22.87
C VAL A 98 9.86 26.00 21.64
N LYS A 99 9.61 24.71 21.83
CA LYS A 99 9.61 23.82 20.67
C LYS A 99 8.25 23.94 20.00
N LEU A 100 8.23 24.19 18.69
CA LEU A 100 7.00 24.52 18.01
C LEU A 100 6.53 23.47 16.96
N VAL A 101 5.27 23.07 17.05
CA VAL A 101 4.63 22.21 16.04
C VAL A 101 3.55 23.04 15.33
N ILE A 102 3.77 23.31 14.06
CA ILE A 102 2.94 24.23 13.28
C ILE A 102 2.15 23.43 12.25
N GLY A 103 0.84 23.41 12.44
CA GLY A 103 -0.05 22.67 11.57
C GLY A 103 -0.86 23.68 10.79
N THR A 104 -0.72 24.98 11.10
CA THR A 104 -1.35 26.07 10.32
C THR A 104 -0.97 25.91 8.86
N THR A 105 -1.81 26.41 7.95
CA THR A 105 -1.53 26.47 6.50
C THR A 105 -1.77 27.88 5.90
N GLY A 106 -1.38 28.10 4.65
CA GLY A 106 -1.61 29.37 3.96
C GLY A 106 -0.52 30.41 4.19
N PHE A 107 0.72 29.97 4.38
CA PHE A 107 1.84 30.89 4.50
C PHE A 107 2.34 31.30 3.11
N SER A 108 2.91 32.49 3.00
CA SER A 108 3.65 32.89 1.79
C SER A 108 5.07 32.31 1.84
N GLU A 109 5.81 32.46 0.75
CA GLU A 109 7.19 31.99 0.70
C GLU A 109 8.11 32.73 1.68
N PRO A 110 8.04 34.09 1.72
CA PRO A 110 8.78 34.78 2.79
C PRO A 110 8.44 34.27 4.22
N GLN A 111 7.18 33.94 4.47
CA GLN A 111 6.75 33.47 5.79
C GLN A 111 7.32 32.07 6.07
N LYS A 112 7.15 31.15 5.13
CA LYS A 112 7.81 29.86 5.21
C LYS A 112 9.33 29.98 5.47
N ALA A 113 10.00 30.91 4.78
CA ALA A 113 11.44 31.10 4.95
C ALA A 113 11.74 31.68 6.34
N GLN A 114 10.74 32.34 6.91
CA GLN A 114 10.79 32.90 8.24
C GLN A 114 10.76 31.75 9.24
N LEU A 115 9.92 30.77 8.96
CA LEU A 115 9.86 29.58 9.82
C LEU A 115 11.19 28.82 9.75
N ARG A 116 11.77 28.69 8.56
CA ARG A 116 13.06 27.98 8.43
C ARG A 116 14.14 28.75 9.19
N ALA A 117 14.20 30.07 8.99
CA ALA A 117 15.17 30.90 9.70
C ALA A 117 15.04 30.71 11.21
N ALA A 118 13.81 30.70 11.71
CA ALA A 118 13.52 30.43 13.12
C ALA A 118 14.18 29.12 13.57
N GLY A 119 14.24 28.16 12.66
CA GLY A 119 14.87 26.85 12.93
C GLY A 119 16.36 26.92 13.27
N GLU A 120 16.99 28.08 13.12
CA GLU A 120 18.40 28.24 13.53
C GLU A 120 18.50 28.43 15.04
N LYS A 121 17.41 28.88 15.65
CA LYS A 121 17.36 29.24 17.05
C LYS A 121 16.49 28.28 17.88
N ILE A 122 15.36 27.82 17.33
CA ILE A 122 14.50 26.87 18.03
C ILE A 122 14.28 25.59 17.22
N ALA A 123 13.79 24.55 17.87
CA ALA A 123 13.45 23.34 17.14
C ALA A 123 11.98 23.45 16.73
N LEU A 124 11.67 23.27 15.46
CA LEU A 124 10.27 23.25 15.05
C LEU A 124 9.91 22.24 13.95
N VAL A 125 8.65 21.82 13.95
CA VAL A 125 8.06 21.04 12.87
C VAL A 125 7.00 21.85 12.14
N PHE A 126 7.11 21.89 10.83
CA PHE A 126 6.08 22.50 10.02
C PHE A 126 5.74 21.52 8.91
N SER A 127 4.45 21.29 8.72
CA SER A 127 4.01 20.36 7.69
C SER A 127 2.59 20.70 7.27
N ALA A 128 2.31 20.52 5.98
CA ALA A 128 0.97 20.73 5.46
C ALA A 128 0.09 19.54 5.87
N ASN A 129 0.68 18.39 6.11
CA ASN A 129 -0.10 17.24 6.54
C ASN A 129 0.55 16.52 7.72
N MET A 130 -0.07 16.62 8.89
CA MET A 130 0.51 16.06 10.11
C MET A 130 0.10 14.60 10.38
N SER A 131 -0.55 14.02 9.39
CA SER A 131 -1.09 12.68 9.48
C SER A 131 0.01 11.65 9.32
N VAL A 132 0.16 10.74 10.28
CA VAL A 132 1.03 9.56 10.08
C VAL A 132 0.59 8.80 8.81
N GLY A 133 -0.71 8.56 8.69
CA GLY A 133 -1.25 7.74 7.59
C GLY A 133 -0.88 8.24 6.23
N VAL A 134 -1.07 9.55 5.98
CA VAL A 134 -0.84 10.09 4.65
C VAL A 134 0.64 10.07 4.26
N ASN A 135 1.47 10.50 5.19
CA ASN A 135 2.91 10.50 4.99
C ASN A 135 3.48 9.12 4.69
N VAL A 136 3.05 8.12 5.46
CA VAL A 136 3.46 6.76 5.15
C VAL A 136 2.88 6.30 3.79
N THR A 137 1.63 6.65 3.52
CA THR A 137 1.04 6.26 2.23
C THR A 137 1.85 6.77 1.04
N MET A 138 2.37 8.00 1.10
CA MET A 138 3.24 8.51 0.02
C MET A 138 4.41 7.58 -0.28
N LYS A 139 5.06 7.09 0.77
CA LYS A 139 6.21 6.17 0.62
C LYS A 139 5.78 4.80 0.08
N LEU A 140 4.64 4.33 0.55
CA LEU A 140 4.06 3.10 0.00
C LEU A 140 3.83 3.25 -1.49
N LEU A 141 3.27 4.38 -1.90
CA LEU A 141 2.92 4.67 -3.29
C LEU A 141 4.16 4.71 -4.17
N GLU A 142 5.22 5.31 -3.64
CA GLU A 142 6.49 5.36 -4.31
C GLU A 142 7.06 3.95 -4.62
N PHE A 143 6.95 3.02 -3.67
CA PHE A 143 7.46 1.65 -3.84
C PHE A 143 6.54 0.91 -4.83
N ALA A 144 5.23 1.00 -4.61
CA ALA A 144 4.24 0.40 -5.51
C ALA A 144 4.38 0.88 -6.96
N ALA A 145 4.61 2.17 -7.18
CA ALA A 145 4.76 2.71 -8.53
C ALA A 145 5.96 2.16 -9.30
N LYS A 146 7.06 1.89 -8.60
CA LYS A 146 8.22 1.23 -9.24
C LYS A 146 7.96 -0.24 -9.49
N GLN A 147 7.38 -0.93 -8.50
CA GLN A 147 7.11 -2.38 -8.68
C GLN A 147 6.05 -2.63 -9.77
N PHE A 148 5.05 -1.74 -9.85
CA PHE A 148 3.97 -1.84 -10.83
C PHE A 148 4.16 -0.92 -12.05
N ALA A 149 5.43 -0.68 -12.42
CA ALA A 149 5.78 0.29 -13.47
C ALA A 149 5.32 -0.16 -14.86
N GLN A 150 5.17 -1.47 -15.06
CA GLN A 150 4.67 -2.03 -16.33
C GLN A 150 3.48 -2.98 -16.11
N GLY A 151 2.46 -2.84 -16.94
CA GLY A 151 1.36 -3.73 -16.94
C GLY A 151 0.22 -3.31 -16.05
N TYR A 152 0.31 -2.14 -15.40
CA TYR A 152 -0.71 -1.70 -14.44
C TYR A 152 -1.20 -0.30 -14.80
N ASP A 153 -2.50 -0.17 -14.99
CA ASP A 153 -3.06 1.16 -15.25
C ASP A 153 -3.34 1.81 -13.91
N ILE A 154 -2.80 3.02 -13.73
CA ILE A 154 -2.84 3.76 -12.47
C ILE A 154 -3.92 4.83 -12.46
N GLU A 155 -4.83 4.66 -11.53
CA GLU A 155 -6.00 5.50 -11.38
C GLU A 155 -6.03 6.04 -9.96
N ILE A 156 -6.36 7.31 -9.82
CA ILE A 156 -6.39 7.94 -8.50
C ILE A 156 -7.83 8.43 -8.28
N ILE A 157 -8.48 7.91 -7.26
CA ILE A 157 -9.88 8.18 -7.00
C ILE A 157 -9.96 8.81 -5.60
N GLU A 158 -10.69 9.90 -5.52
CA GLU A 158 -10.63 10.75 -4.36
C GLU A 158 -12.09 11.21 -4.13
N ALA A 159 -12.50 11.26 -2.87
CA ALA A 159 -13.84 11.67 -2.47
C ALA A 159 -13.74 12.70 -1.34
N HIS A 160 -14.49 13.79 -1.47
CA HIS A 160 -14.55 14.88 -0.49
C HIS A 160 -15.95 15.41 -0.46
N HIS A 161 -16.20 16.23 0.58
CA HIS A 161 -17.47 16.86 0.88
C HIS A 161 -18.00 17.78 -0.22
N ARG A 162 -19.28 18.14 -0.08
CA ARG A 162 -20.01 18.98 -1.03
CA ARG A 162 -19.99 18.97 -1.06
C ARG A 162 -19.49 20.41 -1.20
N HIS A 163 -18.61 20.84 -0.29
CA HIS A 163 -18.09 22.21 -0.37
C HIS A 163 -16.69 22.32 -0.93
N LYS A 164 -16.07 21.20 -1.33
CA LYS A 164 -14.70 21.29 -1.85
C LYS A 164 -14.77 21.84 -3.27
N VAL A 165 -14.04 22.95 -3.52
CA VAL A 165 -14.20 23.69 -4.78
C VAL A 165 -13.19 23.30 -5.85
N ASP A 166 -12.16 22.55 -5.44
N ASP A 166 -12.13 22.61 -5.43
CA ASP A 166 -11.04 22.17 -6.30
CA ASP A 166 -11.05 22.17 -6.33
C ASP A 166 -10.94 20.66 -6.56
C ASP A 166 -11.08 20.67 -6.59
N ALA A 167 -10.87 20.29 -7.84
CA ALA A 167 -10.77 18.88 -8.27
C ALA A 167 -9.61 18.69 -9.25
N PRO A 168 -8.77 17.66 -9.02
CA PRO A 168 -8.73 16.81 -7.84
C PRO A 168 -8.11 17.54 -6.62
N SER A 169 -8.13 16.89 -5.45
CA SER A 169 -7.60 17.50 -4.21
C SER A 169 -6.08 17.64 -4.30
N GLY A 170 -5.51 18.47 -3.44
CA GLY A 170 -4.06 18.62 -3.39
C GLY A 170 -3.40 17.29 -3.03
N THR A 171 -4.01 16.55 -2.10
CA THR A 171 -3.46 15.27 -1.71
C THR A 171 -3.38 14.32 -2.91
N ALA A 172 -4.46 14.25 -3.70
CA ALA A 172 -4.48 13.43 -4.92
C ALA A 172 -3.37 13.85 -5.89
N LEU A 173 -3.18 15.17 -6.02
CA LEU A 173 -2.16 15.70 -6.92
C LEU A 173 -0.75 15.34 -6.42
N MET A 174 -0.53 15.45 -5.11
CA MET A 174 0.72 15.05 -4.49
C MET A 174 0.99 13.56 -4.72
N MET A 175 -0.03 12.73 -4.49
CA MET A 175 0.02 11.30 -4.81
C MET A 175 0.43 11.04 -6.29
N GLY A 176 -0.25 11.68 -7.23
CA GLY A 176 0.12 11.62 -8.66
C GLY A 176 1.57 11.99 -8.96
N GLU A 177 2.04 13.09 -8.36
CA GLU A 177 3.44 13.54 -8.55
C GLU A 177 4.44 12.52 -7.99
N THR A 178 4.15 11.99 -6.80
CA THR A 178 4.96 10.96 -6.17
C THR A 178 5.07 9.74 -7.08
N ILE A 179 3.93 9.32 -7.63
CA ILE A 179 3.89 8.19 -8.55
C ILE A 179 4.64 8.48 -9.85
N ALA A 180 4.40 9.65 -10.45
CA ALA A 180 5.09 10.01 -11.68
C ALA A 180 6.60 10.05 -11.48
N ALA A 181 7.05 10.70 -10.40
CA ALA A 181 8.48 10.86 -10.11
C ALA A 181 9.19 9.51 -9.88
N ALA A 182 8.48 8.53 -9.32
CA ALA A 182 9.03 7.20 -9.06
C ALA A 182 9.57 6.50 -10.31
N THR A 183 9.12 6.93 -11.48
CA THR A 183 9.72 6.52 -12.77
C THR A 183 10.25 7.69 -13.62
N GLY A 184 10.79 8.72 -12.96
CA GLY A 184 11.37 9.88 -13.63
C GLY A 184 10.44 10.68 -14.53
N ARG A 185 9.13 10.55 -14.31
CA ARG A 185 8.13 11.31 -15.07
C ARG A 185 7.55 12.48 -14.29
N SER A 186 6.84 13.33 -15.01
CA SER A 186 6.02 14.36 -14.38
C SER A 186 4.55 14.15 -14.74
N LEU A 187 3.72 14.56 -13.80
CA LEU A 187 2.29 14.40 -13.87
C LEU A 187 1.66 15.03 -15.11
N ASP A 188 1.97 16.30 -15.41
CA ASP A 188 1.27 16.99 -16.51
C ASP A 188 1.56 16.41 -17.91
N ASP A 189 2.52 15.49 -17.99
CA ASP A 189 2.73 14.66 -19.19
C ASP A 189 1.72 13.49 -19.32
N CYS A 190 1.23 12.98 -18.20
CA CYS A 190 0.45 11.73 -18.23
C CYS A 190 -0.92 11.77 -17.52
N ALA A 191 -1.23 12.90 -16.88
CA ALA A 191 -2.46 13.04 -16.09
C ALA A 191 -3.69 13.21 -16.99
N VAL A 192 -4.75 12.48 -16.71
CA VAL A 192 -6.08 12.72 -17.30
C VAL A 192 -7.08 12.97 -16.16
N TYR A 193 -7.77 14.10 -16.24
CA TYR A 193 -8.65 14.58 -15.16
C TYR A 193 -10.12 14.43 -15.54
N GLY A 194 -10.82 13.51 -14.88
CA GLY A 194 -12.17 13.15 -15.32
C GLY A 194 -12.18 12.57 -16.75
N ARG A 195 -13.28 11.92 -17.10
CA ARG A 195 -13.46 11.34 -18.44
C ARG A 195 -14.93 11.51 -18.76
N HIS A 196 -15.22 12.02 -19.95
CA HIS A 196 -16.59 12.03 -20.48
C HIS A 196 -16.51 11.90 -21.97
N GLY A 197 -17.47 11.20 -22.58
CA GLY A 197 -17.52 11.04 -24.03
C GLY A 197 -16.65 9.88 -24.50
N VAL A 198 -16.32 9.88 -25.79
CA VAL A 198 -15.48 8.87 -26.43
C VAL A 198 -14.03 9.15 -26.05
N THR A 199 -13.52 8.49 -25.01
CA THR A 199 -12.13 8.75 -24.57
C THR A 199 -11.12 7.81 -25.23
N GLY A 200 -11.61 6.80 -25.94
CA GLY A 200 -10.75 5.84 -26.65
C GLY A 200 -9.98 4.86 -25.77
N GLU A 201 -9.12 4.08 -26.41
CA GLU A 201 -8.24 3.15 -25.76
C GLU A 201 -7.39 3.89 -24.73
N ARG A 202 -7.34 3.37 -23.51
CA ARG A 202 -6.53 3.98 -22.47
C ARG A 202 -5.03 3.78 -22.75
N ASP A 203 -4.28 4.86 -22.70
CA ASP A 203 -2.83 4.77 -22.85
C ASP A 203 -2.24 4.19 -21.58
N PRO A 204 -1.32 3.20 -21.69
CA PRO A 204 -0.82 2.51 -20.47
C PRO A 204 -0.05 3.45 -19.51
N SER A 205 0.48 4.55 -20.03
CA SER A 205 1.18 5.52 -19.19
C SER A 205 0.28 6.53 -18.44
N THR A 206 -0.98 6.67 -18.86
CA THR A 206 -1.92 7.64 -18.25
C THR A 206 -2.09 7.40 -16.75
N ILE A 207 -2.11 8.51 -15.99
CA ILE A 207 -2.59 8.51 -14.62
C ILE A 207 -3.95 9.21 -14.59
N GLY A 208 -5.02 8.44 -14.38
CA GLY A 208 -6.40 8.98 -14.41
C GLY A 208 -6.93 9.32 -13.03
N PHE A 209 -7.47 10.53 -12.90
CA PHE A 209 -8.02 11.07 -11.66
C PHE A 209 -9.54 11.13 -11.72
N SER A 210 -10.20 10.68 -10.65
CA SER A 210 -11.63 10.87 -10.52
C SER A 210 -11.89 11.57 -9.20
N ALA A 211 -12.74 12.57 -9.23
CA ALA A 211 -13.04 13.35 -8.05
C ALA A 211 -14.55 13.24 -7.73
N ILE A 212 -14.85 12.55 -6.64
CA ILE A 212 -16.22 12.33 -6.12
C ILE A 212 -16.53 13.41 -5.09
N ARG A 213 -17.75 13.95 -5.13
CA ARG A 213 -18.07 15.03 -4.26
C ARG A 213 -19.44 14.83 -3.70
N GLY A 214 -19.56 14.98 -2.39
CA GLY A 214 -20.89 15.01 -1.77
C GLY A 214 -20.85 14.84 -0.25
N GLY A 215 -22.00 15.10 0.37
CA GLY A 215 -22.13 15.04 1.84
C GLY A 215 -21.06 15.81 2.59
N ASP A 216 -20.58 15.26 3.69
CA ASP A 216 -19.52 15.89 4.46
C ASP A 216 -18.30 14.95 4.51
N ILE A 217 -18.04 14.24 3.42
CA ILE A 217 -16.89 13.31 3.36
C ILE A 217 -15.61 14.09 3.65
N VAL A 218 -14.83 13.66 4.66
CA VAL A 218 -13.62 14.40 5.08
C VAL A 218 -12.48 14.26 4.05
N GLY A 219 -12.32 13.07 3.51
CA GLY A 219 -11.36 12.85 2.45
C GLY A 219 -10.93 11.41 2.36
N ASP A 220 -11.31 10.75 1.28
CA ASP A 220 -10.82 9.41 0.95
C ASP A 220 -9.92 9.49 -0.28
N HIS A 221 -8.81 8.79 -0.25
CA HIS A 221 -7.91 8.74 -1.43
C HIS A 221 -7.49 7.32 -1.74
N THR A 222 -7.74 6.90 -2.96
CA THR A 222 -7.38 5.54 -3.41
C THR A 222 -6.50 5.60 -4.64
N VAL A 223 -5.42 4.84 -4.60
CA VAL A 223 -4.64 4.61 -5.78
C VAL A 223 -4.88 3.17 -6.19
N LEU A 224 -5.38 3.03 -7.42
CA LEU A 224 -5.68 1.76 -8.04
C LEU A 224 -4.63 1.41 -9.09
N PHE A 225 -3.98 0.26 -8.91
CA PHE A 225 -3.08 -0.32 -9.90
C PHE A 225 -3.86 -1.47 -10.53
N ALA A 226 -4.41 -1.19 -11.72
CA ALA A 226 -5.29 -2.12 -12.37
C ALA A 226 -4.52 -2.91 -13.40
N GLY A 227 -4.40 -4.21 -13.18
CA GLY A 227 -3.61 -5.05 -14.07
C GLY A 227 -4.49 -6.04 -14.79
N ILE A 228 -3.86 -6.94 -15.54
CA ILE A 228 -4.57 -7.99 -16.26
C ILE A 228 -4.83 -9.15 -15.30
N GLY A 229 -6.07 -9.28 -14.86
CA GLY A 229 -6.48 -10.36 -13.95
C GLY A 229 -6.36 -10.00 -12.45
N GLU A 230 -5.91 -8.80 -12.12
CA GLU A 230 -5.77 -8.41 -10.73
C GLU A 230 -5.74 -6.90 -10.54
N ARG A 231 -6.08 -6.47 -9.33
CA ARG A 231 -6.00 -5.07 -8.93
C ARG A 231 -5.31 -4.95 -7.58
N ILE A 232 -4.54 -3.88 -7.40
CA ILE A 232 -3.92 -3.60 -6.12
C ILE A 232 -4.35 -2.19 -5.75
N GLU A 233 -4.92 -2.03 -4.55
CA GLU A 233 -5.38 -0.73 -4.09
C GLU A 233 -4.73 -0.35 -2.78
N ILE A 234 -4.33 0.91 -2.72
CA ILE A 234 -3.76 1.48 -1.52
C ILE A 234 -4.66 2.69 -1.21
N THR A 235 -5.34 2.64 -0.06
CA THR A 235 -6.39 3.61 0.25
C THR A 235 -6.12 4.26 1.58
N HIS A 236 -6.28 5.58 1.63
CA HIS A 236 -6.24 6.34 2.88
C HIS A 236 -7.59 7.00 3.06
N LYS A 237 -8.20 6.77 4.23
CA LYS A 237 -9.48 7.33 4.66
C LYS A 237 -9.25 8.22 5.89
N SER A 238 -9.60 9.50 5.77
CA SER A 238 -9.51 10.41 6.91
C SER A 238 -10.91 10.51 7.52
N ALA A 239 -11.08 10.18 8.79
CA ALA A 239 -12.38 10.36 9.42
C ALA A 239 -12.55 11.75 10.02
N SER A 240 -11.45 12.35 10.44
CA SER A 240 -11.53 13.66 11.07
C SER A 240 -10.15 14.27 11.33
N ARG A 241 -10.11 15.53 11.72
CA ARG A 241 -8.81 16.17 11.96
C ARG A 241 -8.07 15.57 13.18
N VAL A 242 -8.75 14.72 13.95
CA VAL A 242 -8.17 14.00 15.08
CA VAL A 242 -8.14 14.04 15.10
C VAL A 242 -6.83 13.32 14.73
N SER A 243 -6.72 12.77 13.53
CA SER A 243 -5.45 12.15 13.10
C SER A 243 -4.28 13.16 13.06
N TYR A 244 -4.58 14.45 12.84
CA TYR A 244 -3.52 15.47 12.84
C TYR A 244 -3.00 15.71 14.24
N ALA A 245 -3.90 15.61 15.23
CA ALA A 245 -3.54 15.76 16.64
C ALA A 245 -2.57 14.65 17.06
N GLN A 246 -2.82 13.44 16.57
CA GLN A 246 -1.94 12.32 16.85
C GLN A 246 -0.52 12.50 16.26
N GLY A 247 -0.45 13.00 15.03
CA GLY A 247 0.83 13.23 14.37
C GLY A 247 1.58 14.41 14.99
N ALA A 248 0.83 15.43 15.43
CA ALA A 248 1.38 16.57 16.18
C ALA A 248 2.08 16.12 17.47
N LEU A 249 1.50 15.16 18.19
CA LEU A 249 2.17 14.62 19.37
C LEU A 249 3.44 13.81 19.03
N ARG A 250 3.43 13.07 17.93
CA ARG A 250 4.66 12.38 17.51
C ARG A 250 5.71 13.42 17.13
N ALA A 251 5.27 14.52 16.49
CA ALA A 251 6.17 15.63 16.20
C ALA A 251 6.76 16.17 17.52
N ALA A 252 5.93 16.37 18.54
CA ALA A 252 6.47 16.90 19.80
C ALA A 252 7.53 15.93 20.37
N ARG A 253 7.25 14.63 20.32
CA ARG A 253 8.20 13.61 20.83
C ARG A 253 9.50 13.64 20.06
N PHE A 254 9.43 13.79 18.73
CA PHE A 254 10.65 13.95 17.93
C PHE A 254 11.40 15.24 18.39
N LEU A 255 10.67 16.33 18.60
CA LEU A 255 11.32 17.58 18.95
C LEU A 255 11.99 17.55 20.34
N ALA A 256 11.49 16.68 21.24
CA ALA A 256 12.08 16.56 22.57
C ALA A 256 13.60 16.32 22.50
N GLY A 257 14.05 15.58 21.49
CA GLY A 257 15.49 15.27 21.37
C GLY A 257 16.32 16.34 20.67
N ARG A 258 15.65 17.39 20.16
CA ARG A 258 16.30 18.38 19.29
C ARG A 258 16.43 19.78 19.87
N ASP A 259 17.60 20.39 19.72
CA ASP A 259 17.85 21.71 20.29
C ASP A 259 17.36 22.81 19.37
N ALA A 260 17.73 22.75 18.09
CA ALA A 260 17.31 23.73 17.08
C ALA A 260 17.14 22.97 15.77
N GLY A 261 16.60 23.60 14.74
CA GLY A 261 16.40 22.92 13.47
C GLY A 261 14.98 23.07 12.96
N PHE A 262 14.87 23.14 11.64
CA PHE A 262 13.60 23.14 10.95
C PHE A 262 13.35 21.71 10.44
N PHE A 263 12.22 21.14 10.84
CA PHE A 263 11.88 19.76 10.50
C PHE A 263 10.47 19.66 9.90
N ASP A 264 10.24 18.63 9.09
CA ASP A 264 8.87 18.32 8.64
C ASP A 264 8.49 16.90 9.10
N MET A 265 7.33 16.40 8.68
CA MET A 265 6.91 15.08 9.10
C MET A 265 7.77 13.97 8.52
N GLN A 266 8.52 14.21 7.44
CA GLN A 266 9.42 13.15 6.94
C GLN A 266 10.52 12.90 7.95
N ASP A 267 11.03 13.98 8.53
CA ASP A 267 12.00 13.88 9.63
C ASP A 267 11.36 13.20 10.82
N VAL A 268 10.20 13.69 11.23
CA VAL A 268 9.52 13.14 12.42
C VAL A 268 9.30 11.63 12.31
N LEU A 269 8.98 11.15 11.12
CA LEU A 269 8.65 9.74 10.98
C LEU A 269 9.82 8.89 10.47
N GLY A 270 11.00 9.50 10.31
CA GLY A 270 12.18 8.79 9.82
C GLY A 270 11.96 8.28 8.41
N LEU A 271 11.15 9.00 7.63
CA LEU A 271 10.85 8.51 6.26
C LEU A 271 11.86 8.94 5.22
N ARG A 272 12.56 10.03 5.46
CA ARG A 272 13.44 10.67 4.46
C ARG A 272 14.75 9.91 4.35
N SER B 6 15.35 -13.33 -31.28
CA SER B 6 15.57 -12.60 -30.01
C SER B 6 14.41 -12.77 -29.04
N SER B 7 13.21 -12.94 -29.57
CA SER B 7 12.06 -13.16 -28.70
C SER B 7 12.16 -14.56 -28.10
N MET B 8 11.69 -14.70 -26.87
CA MET B 8 11.69 -15.98 -26.17
C MET B 8 10.88 -17.01 -26.94
N LYS B 9 11.48 -18.17 -27.16
CA LYS B 9 10.82 -19.25 -27.86
C LYS B 9 10.13 -20.13 -26.82
N ILE B 10 8.83 -19.94 -26.66
CA ILE B 10 8.09 -20.51 -25.53
C ILE B 10 7.12 -21.62 -25.94
N ALA B 11 7.16 -22.73 -25.19
CA ALA B 11 6.12 -23.77 -25.34
C ALA B 11 5.20 -23.74 -24.12
N ILE B 12 3.95 -24.15 -24.34
CA ILE B 12 2.97 -24.18 -23.26
C ILE B 12 2.43 -25.60 -23.09
N ALA B 13 2.36 -26.08 -21.86
CA ALA B 13 1.76 -27.37 -21.55
C ALA B 13 0.26 -27.25 -21.27
N GLY B 14 -0.47 -28.38 -21.35
CA GLY B 14 -1.92 -28.41 -21.11
C GLY B 14 -2.59 -27.34 -21.93
N ALA B 15 -2.15 -27.23 -23.18
CA ALA B 15 -2.45 -26.08 -24.05
C ALA B 15 -3.93 -25.92 -24.43
N SER B 16 -4.72 -26.99 -24.45
CA SER B 16 -6.14 -26.79 -24.71
C SER B 16 -6.98 -26.62 -23.44
N GLY B 17 -6.34 -26.68 -22.27
CA GLY B 17 -7.06 -26.50 -20.99
C GLY B 17 -7.30 -25.02 -20.73
N ARG B 18 -8.10 -24.69 -19.70
CA ARG B 18 -8.37 -23.28 -19.35
C ARG B 18 -7.08 -22.47 -19.09
N MET B 19 -6.21 -22.99 -18.24
CA MET B 19 -4.94 -22.32 -17.94
C MET B 19 -3.98 -22.26 -19.13
N GLY B 20 -3.87 -23.36 -19.87
CA GLY B 20 -3.08 -23.39 -21.09
C GLY B 20 -3.51 -22.33 -22.10
N ARG B 21 -4.82 -22.19 -22.31
CA ARG B 21 -5.34 -21.15 -23.19
C ARG B 21 -4.94 -19.74 -22.76
N MET B 22 -5.05 -19.45 -21.47
CA MET B 22 -4.62 -18.16 -20.95
C MET B 22 -3.14 -17.94 -21.18
N LEU B 23 -2.34 -19.00 -21.01
CA LEU B 23 -0.90 -18.88 -21.23
C LEU B 23 -0.61 -18.59 -22.70
N ILE B 24 -1.34 -19.26 -23.60
CA ILE B 24 -1.14 -19.05 -25.03
C ILE B 24 -1.45 -17.59 -25.36
N GLU B 25 -2.56 -17.11 -24.83
CA GLU B 25 -2.95 -15.74 -25.02
C GLU B 25 -1.86 -14.77 -24.57
N ALA B 26 -1.27 -15.03 -23.42
CA ALA B 26 -0.25 -14.14 -22.86
C ALA B 26 1.02 -14.18 -23.72
N VAL B 27 1.40 -15.35 -24.21
CA VAL B 27 2.61 -15.50 -25.05
C VAL B 27 2.43 -14.74 -26.38
N LEU B 28 1.26 -14.85 -26.98
CA LEU B 28 1.04 -14.14 -28.24
C LEU B 28 1.05 -12.64 -28.02
N ALA B 29 0.39 -12.19 -26.96
CA ALA B 29 0.29 -10.76 -26.67
C ALA B 29 1.65 -10.14 -26.24
N ALA B 30 2.51 -10.92 -25.60
CA ALA B 30 3.82 -10.39 -25.17
C ALA B 30 4.67 -10.06 -26.41
N PRO B 31 5.12 -8.79 -26.56
CA PRO B 31 5.82 -8.51 -27.82
C PRO B 31 7.23 -9.10 -27.90
N ASP B 32 7.71 -9.72 -26.82
CA ASP B 32 9.06 -10.32 -26.77
C ASP B 32 9.01 -11.85 -26.63
N ALA B 33 7.84 -12.45 -26.85
CA ALA B 33 7.68 -13.92 -26.80
C ALA B 33 7.04 -14.45 -28.07
N THR B 34 7.42 -15.66 -28.49
CA THR B 34 6.85 -16.33 -29.63
C THR B 34 6.43 -17.71 -29.18
N LEU B 35 5.22 -18.12 -29.55
CA LEU B 35 4.76 -19.50 -29.29
C LEU B 35 5.41 -20.45 -30.28
N VAL B 36 6.13 -21.46 -29.79
CA VAL B 36 6.75 -22.45 -30.69
C VAL B 36 6.24 -23.88 -30.44
N GLY B 37 5.52 -24.07 -29.34
CA GLY B 37 5.08 -25.41 -28.98
C GLY B 37 3.83 -25.32 -28.14
N ALA B 38 2.94 -26.30 -28.35
CA ALA B 38 1.72 -26.38 -27.56
C ALA B 38 1.51 -27.84 -27.24
N LEU B 39 1.77 -28.21 -26.00
CA LEU B 39 1.72 -29.59 -25.56
C LEU B 39 0.40 -29.92 -24.87
N ASP B 40 -0.13 -31.11 -25.15
CA ASP B 40 -1.34 -31.61 -24.49
C ASP B 40 -1.26 -33.13 -24.26
N ARG B 41 -2.21 -33.66 -23.47
CA ARG B 41 -2.27 -35.09 -23.13
C ARG B 41 -2.53 -35.96 -24.35
N THR B 42 -1.98 -37.17 -24.35
CA THR B 42 -2.32 -38.20 -25.34
C THR B 42 -3.84 -38.33 -25.51
N GLY B 43 -4.57 -38.24 -24.41
CA GLY B 43 -6.04 -38.37 -24.44
C GLY B 43 -6.83 -37.12 -24.81
N SER B 44 -6.13 -36.09 -25.29
CA SER B 44 -6.78 -34.83 -25.67
C SER B 44 -7.51 -34.95 -27.02
N PRO B 45 -8.73 -34.39 -27.11
CA PRO B 45 -9.48 -34.41 -28.38
C PRO B 45 -9.08 -33.28 -29.35
N GLN B 46 -8.07 -32.50 -28.96
CA GLN B 46 -7.67 -31.32 -29.70
C GLN B 46 -6.37 -31.44 -30.49
N LEU B 47 -5.71 -32.59 -30.45
CA LEU B 47 -4.39 -32.74 -31.06
C LEU B 47 -4.43 -32.41 -32.56
N GLY B 48 -3.43 -31.68 -33.04
CA GLY B 48 -3.42 -31.32 -34.46
C GLY B 48 -3.99 -29.95 -34.76
N GLN B 49 -4.91 -29.47 -33.93
CA GLN B 49 -5.45 -28.12 -34.11
C GLN B 49 -4.43 -27.03 -33.80
N ASP B 50 -4.56 -25.90 -34.51
CA ASP B 50 -3.77 -24.73 -34.26
C ASP B 50 -4.01 -24.25 -32.83
N ALA B 51 -2.93 -24.01 -32.09
CA ALA B 51 -2.98 -23.56 -30.70
C ALA B 51 -3.83 -22.30 -30.53
N GLY B 52 -3.98 -21.54 -31.62
CA GLY B 52 -4.69 -20.27 -31.57
C GLY B 52 -6.10 -20.31 -32.10
N ALA B 53 -6.54 -21.48 -32.59
CA ALA B 53 -7.84 -21.59 -33.25
C ALA B 53 -8.99 -21.05 -32.38
N PHE B 54 -8.97 -21.39 -31.07
CA PHE B 54 -9.94 -20.89 -30.12
C PHE B 54 -9.94 -19.36 -30.06
N LEU B 55 -8.92 -18.71 -30.60
CA LEU B 55 -8.87 -17.24 -30.67
C LEU B 55 -9.15 -16.74 -32.08
N GLY B 56 -9.33 -17.66 -33.02
CA GLY B 56 -9.53 -17.30 -34.42
C GLY B 56 -8.20 -16.82 -34.99
N LYS B 57 -7.10 -17.33 -34.47
CA LYS B 57 -5.77 -16.96 -34.96
C LYS B 57 -5.03 -18.20 -35.48
N GLN B 58 -4.14 -18.02 -36.45
CA GLN B 58 -3.30 -19.14 -36.84
C GLN B 58 -1.85 -18.85 -36.50
N THR B 59 -1.28 -19.73 -35.68
CA THR B 59 0.00 -19.46 -35.03
C THR B 59 1.14 -20.20 -35.71
N GLY B 60 0.82 -21.16 -36.57
CA GLY B 60 1.80 -22.10 -37.12
C GLY B 60 2.17 -23.19 -36.11
N VAL B 61 1.46 -23.28 -35.00
CA VAL B 61 1.81 -24.24 -33.93
C VAL B 61 0.64 -25.17 -33.72
N ALA B 62 0.85 -26.46 -33.95
CA ALA B 62 -0.23 -27.46 -33.82
C ALA B 62 -0.09 -28.16 -32.46
N LEU B 63 -1.21 -28.31 -31.75
CA LEU B 63 -1.25 -29.05 -30.47
C LEU B 63 -0.74 -30.46 -30.71
N THR B 64 0.21 -30.89 -29.87
CA THR B 64 0.76 -32.22 -29.98
C THR B 64 0.94 -32.84 -28.59
N ASP B 65 1.06 -34.16 -28.53
CA ASP B 65 1.45 -34.86 -27.31
C ASP B 65 2.95 -35.17 -27.28
N ASP B 66 3.69 -34.62 -28.24
CA ASP B 66 5.08 -35.04 -28.42
C ASP B 66 6.01 -34.22 -27.51
N ILE B 67 6.19 -34.69 -26.28
CA ILE B 67 6.93 -33.97 -25.24
C ILE B 67 8.36 -33.72 -25.70
N GLU B 68 9.00 -34.77 -26.25
CA GLU B 68 10.39 -34.71 -26.76
C GLU B 68 10.66 -33.64 -27.82
N ARG B 69 9.89 -33.69 -28.91
CA ARG B 69 9.95 -32.67 -29.97
C ARG B 69 9.73 -31.26 -29.40
N VAL B 70 8.66 -31.09 -28.62
CA VAL B 70 8.40 -29.77 -28.05
C VAL B 70 9.63 -29.26 -27.26
N CYS B 71 10.16 -30.07 -26.34
CA CYS B 71 11.29 -29.62 -25.53
C CYS B 71 12.55 -29.39 -26.36
N ALA B 72 12.78 -30.25 -27.36
CA ALA B 72 13.85 -30.01 -28.33
C ALA B 72 13.69 -28.67 -29.05
N GLU B 73 12.46 -28.27 -29.38
CA GLU B 73 12.24 -27.06 -30.18
C GLU B 73 12.09 -25.77 -29.37
N ALA B 74 11.74 -25.88 -28.09
CA ALA B 74 11.49 -24.69 -27.27
C ALA B 74 12.67 -24.32 -26.33
N ASP B 75 12.88 -23.02 -26.05
CA ASP B 75 13.82 -22.63 -24.99
C ASP B 75 13.17 -22.55 -23.61
N TYR B 76 11.83 -22.40 -23.58
CA TYR B 76 11.05 -22.26 -22.33
C TYR B 76 9.85 -23.15 -22.42
N LEU B 77 9.43 -23.69 -21.28
CA LEU B 77 8.17 -24.43 -21.16
C LEU B 77 7.48 -23.92 -19.91
N ILE B 78 6.25 -23.46 -20.09
CA ILE B 78 5.43 -22.98 -18.96
C ILE B 78 4.33 -24.03 -18.76
N ASP B 79 4.23 -24.50 -17.52
CA ASP B 79 3.47 -25.70 -17.20
C ASP B 79 2.69 -25.48 -15.91
N PHE B 80 1.36 -25.45 -16.04
CA PHE B 80 0.41 -25.36 -14.94
C PHE B 80 -0.52 -26.57 -15.13
N THR B 81 -0.01 -27.78 -14.92
CA THR B 81 -0.85 -28.94 -15.13
C THR B 81 -0.95 -29.76 -13.85
N LEU B 82 -0.60 -31.03 -13.90
CA LEU B 82 -0.74 -31.93 -12.75
C LEU B 82 0.64 -32.45 -12.41
N PRO B 83 0.91 -32.76 -11.12
CA PRO B 83 2.24 -33.23 -10.74
C PRO B 83 2.83 -34.33 -11.63
N GLU B 84 2.04 -35.36 -11.95
CA GLU B 84 2.53 -36.54 -12.72
C GLU B 84 3.04 -36.11 -14.10
N GLY B 85 2.15 -35.48 -14.87
CA GLY B 85 2.51 -34.89 -16.16
C GLY B 85 3.63 -33.85 -16.06
N THR B 86 3.64 -33.07 -14.98
CA THR B 86 4.68 -32.05 -14.81
C THR B 86 6.05 -32.67 -14.56
N LEU B 87 6.10 -33.75 -13.78
CA LEU B 87 7.38 -34.42 -13.51
C LEU B 87 7.89 -35.15 -14.75
N VAL B 88 6.98 -35.67 -15.57
CA VAL B 88 7.35 -36.17 -16.89
C VAL B 88 7.92 -35.03 -17.74
N HIS B 89 7.33 -33.85 -17.63
CA HIS B 89 7.82 -32.68 -18.35
C HIS B 89 9.18 -32.26 -17.86
N LEU B 90 9.42 -32.36 -16.56
CA LEU B 90 10.70 -31.98 -15.99
C LEU B 90 11.88 -32.83 -16.53
N ASP B 91 11.70 -34.14 -16.61
CA ASP B 91 12.77 -34.99 -17.12
C ASP B 91 13.15 -34.61 -18.56
N ALA B 92 12.15 -34.33 -19.40
CA ALA B 92 12.40 -33.87 -20.77
C ALA B 92 13.09 -32.50 -20.77
N ALA B 93 12.71 -31.62 -19.85
CA ALA B 93 13.38 -30.32 -19.70
C ALA B 93 14.83 -30.51 -19.28
N LEU B 94 15.07 -31.51 -18.44
CA LEU B 94 16.40 -31.83 -17.97
C LEU B 94 17.29 -32.31 -19.12
N ARG B 95 16.69 -32.99 -20.08
CA ARG B 95 17.46 -33.54 -21.18
C ARG B 95 17.68 -32.52 -22.29
N HIS B 96 16.82 -31.51 -22.37
CA HIS B 96 16.89 -30.57 -23.48
C HIS B 96 17.31 -29.19 -23.09
N ASP B 97 17.70 -29.04 -21.82
CA ASP B 97 18.11 -27.77 -21.22
C ASP B 97 17.02 -26.70 -21.39
N VAL B 98 15.78 -27.04 -21.06
CA VAL B 98 14.68 -26.09 -21.18
C VAL B 98 14.62 -25.24 -19.89
N LYS B 99 14.30 -23.95 -20.03
CA LYS B 99 14.01 -23.10 -18.86
C LYS B 99 12.55 -23.34 -18.49
N LEU B 100 12.33 -23.86 -17.28
CA LEU B 100 11.00 -24.29 -16.92
C LEU B 100 10.32 -23.32 -15.95
N VAL B 101 9.04 -23.01 -16.23
CA VAL B 101 8.21 -22.17 -15.36
C VAL B 101 7.04 -23.03 -14.87
N ILE B 102 7.03 -23.34 -13.57
CA ILE B 102 6.07 -24.31 -13.06
C ILE B 102 5.00 -23.69 -12.17
N GLY B 103 3.77 -23.60 -12.68
CA GLY B 103 2.63 -23.15 -11.88
C GLY B 103 1.81 -24.28 -11.26
N THR B 104 2.13 -25.53 -11.58
CA THR B 104 1.49 -26.70 -10.94
C THR B 104 1.57 -26.60 -9.41
N THR B 105 0.59 -27.21 -8.74
CA THR B 105 0.60 -27.36 -7.26
C THR B 105 0.11 -28.77 -6.88
N GLY B 106 0.80 -29.50 -5.99
CA GLY B 106 2.11 -29.14 -5.44
C GLY B 106 2.96 -30.39 -5.23
N PHE B 107 2.37 -31.42 -4.59
CA PHE B 107 3.02 -32.73 -4.27
C PHE B 107 4.06 -32.69 -3.14
N SER B 108 4.37 -33.86 -2.56
CA SER B 108 5.24 -34.00 -1.39
C SER B 108 6.48 -33.08 -1.35
N GLN B 111 8.19 -34.29 -3.58
CA GLN B 111 8.17 -33.98 -5.01
C GLN B 111 8.79 -32.61 -5.29
N LYS B 112 8.52 -31.65 -4.41
CA LYS B 112 9.19 -30.35 -4.40
C LYS B 112 10.71 -30.51 -4.36
N ALA B 113 11.18 -31.58 -3.70
CA ALA B 113 12.61 -31.90 -3.61
C ALA B 113 13.27 -32.18 -4.97
N GLN B 114 12.60 -32.95 -5.82
CA GLN B 114 13.08 -33.23 -7.17
C GLN B 114 13.25 -31.98 -8.05
N LEU B 115 12.37 -31.00 -7.87
CA LEU B 115 12.47 -29.83 -8.72
C LEU B 115 13.38 -28.72 -8.18
N ARG B 116 13.73 -28.82 -6.90
CA ARG B 116 14.81 -28.02 -6.36
C ARG B 116 16.12 -28.66 -6.81
N ALA B 117 16.12 -29.99 -6.90
CA ALA B 117 17.29 -30.76 -7.35
C ALA B 117 17.55 -30.58 -8.83
N ALA B 118 16.50 -30.28 -9.59
CA ALA B 118 16.59 -29.99 -11.01
C ALA B 118 17.33 -28.67 -11.27
N GLY B 119 17.22 -27.75 -10.31
CA GLY B 119 17.91 -26.47 -10.36
C GLY B 119 19.43 -26.56 -10.37
N GLU B 120 19.98 -27.77 -10.20
CA GLU B 120 21.43 -27.97 -10.35
C GLU B 120 21.84 -27.98 -11.82
N LYS B 121 20.91 -28.35 -12.69
CA LYS B 121 21.22 -28.63 -14.09
C LYS B 121 20.49 -27.69 -15.07
N ILE B 122 19.25 -27.30 -14.76
CA ILE B 122 18.51 -26.32 -15.58
C ILE B 122 18.02 -25.13 -14.73
N ALA B 123 17.59 -24.07 -15.40
CA ALA B 123 17.00 -22.92 -14.75
C ALA B 123 15.48 -23.12 -14.70
N LEU B 124 14.90 -23.01 -13.50
CA LEU B 124 13.45 -23.10 -13.33
C LEU B 124 12.91 -22.19 -12.26
N VAL B 125 11.63 -21.86 -12.43
CA VAL B 125 10.87 -21.07 -11.46
C VAL B 125 9.72 -21.95 -11.02
N PHE B 126 9.51 -21.96 -9.72
CA PHE B 126 8.39 -22.66 -9.16
C PHE B 126 7.79 -21.74 -8.14
N SER B 127 6.47 -21.63 -8.17
CA SER B 127 5.73 -20.86 -7.22
C SER B 127 4.29 -21.30 -7.36
N ALA B 128 3.65 -21.42 -6.21
CA ALA B 128 2.22 -21.68 -6.11
C ALA B 128 1.42 -20.41 -6.45
N ASN B 129 1.94 -19.25 -6.03
CA ASN B 129 1.35 -17.94 -6.33
C ASN B 129 2.24 -17.13 -7.26
N MET B 130 1.95 -17.21 -8.55
CA MET B 130 2.77 -16.56 -9.56
CA MET B 130 2.75 -16.56 -9.58
C MET B 130 2.29 -15.14 -9.92
N SER B 131 1.56 -14.50 -9.01
CA SER B 131 1.08 -13.16 -9.28
C SER B 131 2.04 -12.08 -8.80
N VAL B 132 2.39 -11.17 -9.72
CA VAL B 132 3.13 -9.95 -9.40
C VAL B 132 2.45 -9.21 -8.24
N GLY B 133 1.12 -9.04 -8.31
CA GLY B 133 0.37 -8.27 -7.31
C GLY B 133 0.47 -8.79 -5.89
N VAL B 134 0.28 -10.09 -5.72
CA VAL B 134 0.35 -10.69 -4.38
C VAL B 134 1.77 -10.61 -3.79
N ASN B 135 2.78 -10.92 -4.60
CA ASN B 135 4.17 -10.86 -4.13
C ASN B 135 4.62 -9.43 -3.77
N VAL B 136 4.28 -8.47 -4.64
CA VAL B 136 4.56 -7.09 -4.31
C VAL B 136 3.79 -6.63 -3.06
N THR B 137 2.51 -6.99 -2.96
CA THR B 137 1.72 -6.61 -1.80
C THR B 137 2.38 -7.08 -0.50
N MET B 138 2.93 -8.30 -0.51
CA MET B 138 3.62 -8.86 0.66
C MET B 138 4.72 -7.92 1.19
N LYS B 139 5.49 -7.32 0.29
CA LYS B 139 6.56 -6.38 0.66
C LYS B 139 6.00 -5.01 1.08
N LEU B 140 4.92 -4.57 0.44
CA LEU B 140 4.20 -3.38 0.93
C LEU B 140 3.73 -3.52 2.38
N LEU B 141 3.28 -4.72 2.77
CA LEU B 141 2.80 -4.99 4.14
C LEU B 141 3.93 -4.96 5.14
N GLU B 142 5.07 -5.48 4.73
CA GLU B 142 6.24 -5.48 5.58
C GLU B 142 6.62 -4.03 5.97
N PHE B 143 6.72 -3.13 4.99
CA PHE B 143 7.00 -1.71 5.25
C PHE B 143 5.87 -1.08 6.09
N ALA B 144 4.61 -1.34 5.71
CA ALA B 144 3.48 -0.73 6.41
C ALA B 144 3.39 -1.20 7.87
N ALA B 145 3.63 -2.48 8.11
CA ALA B 145 3.59 -2.99 9.48
C ALA B 145 4.61 -2.28 10.38
N LYS B 146 5.81 -2.02 9.85
CA LYS B 146 6.84 -1.35 10.67
C LYS B 146 6.42 0.08 10.92
N GLN B 147 5.93 0.77 9.88
CA GLN B 147 5.60 2.19 9.99
C GLN B 147 4.38 2.48 10.87
N PHE B 148 3.42 1.55 10.85
CA PHE B 148 2.22 1.62 11.67
C PHE B 148 2.32 0.69 12.87
N ALA B 149 3.54 0.44 13.36
CA ALA B 149 3.68 -0.47 14.50
C ALA B 149 3.03 0.08 15.79
N GLN B 150 2.87 1.39 15.89
CA GLN B 150 2.21 1.96 17.08
C GLN B 150 0.97 2.74 16.65
N GLY B 151 -0.14 2.53 17.37
CA GLY B 151 -1.37 3.27 17.20
C GLY B 151 -2.38 2.74 16.17
N TYR B 152 -2.08 1.65 15.48
CA TYR B 152 -2.97 1.14 14.43
C TYR B 152 -3.37 -0.29 14.72
N ASP B 153 -4.67 -0.53 14.85
CA ASP B 153 -5.17 -1.89 14.99
C ASP B 153 -5.19 -2.60 13.63
N ILE B 154 -4.55 -3.76 13.56
CA ILE B 154 -4.36 -4.43 12.27
C ILE B 154 -5.38 -5.54 12.05
N GLU B 155 -6.17 -5.42 10.99
CA GLU B 155 -7.24 -6.38 10.69
C GLU B 155 -7.03 -6.91 9.28
N ILE B 156 -7.21 -8.22 9.09
CA ILE B 156 -6.99 -8.80 7.76
C ILE B 156 -8.33 -9.36 7.33
N ILE B 157 -8.83 -8.86 6.20
CA ILE B 157 -10.15 -9.27 5.71
C ILE B 157 -10.01 -9.89 4.35
N GLU B 158 -10.58 -11.08 4.23
CA GLU B 158 -10.35 -11.91 3.06
C GLU B 158 -11.74 -12.47 2.63
N ALA B 159 -11.95 -12.54 1.31
CA ALA B 159 -13.20 -13.07 0.76
C ALA B 159 -12.90 -14.11 -0.30
N HIS B 160 -13.57 -15.27 -0.22
CA HIS B 160 -13.48 -16.31 -1.21
C HIS B 160 -14.82 -16.94 -1.47
N HIS B 161 -14.84 -17.80 -2.50
CA HIS B 161 -16.04 -18.50 -2.98
C HIS B 161 -16.66 -19.47 -2.03
N ARG B 162 -17.92 -19.81 -2.36
CA ARG B 162 -18.75 -20.70 -1.53
CA ARG B 162 -18.83 -20.83 -1.80
C ARG B 162 -18.14 -22.09 -1.29
N HIS B 163 -17.14 -22.50 -2.06
CA HIS B 163 -16.55 -23.85 -1.92
C HIS B 163 -15.26 -23.89 -1.17
N LYS B 164 -14.80 -22.73 -0.69
CA LYS B 164 -13.53 -22.69 0.00
C LYS B 164 -13.69 -23.29 1.42
N VAL B 165 -12.94 -24.35 1.71
CA VAL B 165 -13.15 -25.10 2.96
C VAL B 165 -12.40 -24.56 4.19
N ASP B 166 -11.33 -23.80 3.98
N ASP B 166 -11.33 -23.79 3.96
CA ASP B 166 -10.47 -23.33 5.07
CA ASP B 166 -10.45 -23.30 5.03
C ASP B 166 -10.53 -21.83 5.29
C ASP B 166 -10.58 -21.80 5.29
N ALA B 167 -10.51 -21.43 6.56
CA ALA B 167 -10.59 -20.04 6.97
C ALA B 167 -9.69 -19.74 8.17
N PRO B 168 -8.87 -18.69 8.06
CA PRO B 168 -8.76 -17.81 6.89
C PRO B 168 -7.92 -18.45 5.78
N SER B 169 -7.87 -17.82 4.60
CA SER B 169 -7.05 -18.34 3.49
C SER B 169 -5.57 -18.42 3.85
N GLY B 170 -4.84 -19.31 3.18
CA GLY B 170 -3.38 -19.37 3.34
C GLY B 170 -2.74 -18.03 2.98
N THR B 171 -3.23 -17.37 1.93
CA THR B 171 -2.71 -16.02 1.61
C THR B 171 -2.87 -15.05 2.79
N ALA B 172 -4.05 -15.01 3.41
CA ALA B 172 -4.28 -14.12 4.56
C ALA B 172 -3.32 -14.46 5.68
N LEU B 173 -3.08 -15.76 5.91
CA LEU B 173 -2.13 -16.21 6.92
C LEU B 173 -0.70 -15.73 6.67
N MET B 174 -0.25 -15.85 5.40
CA MET B 174 1.06 -15.35 4.97
CA MET B 174 1.07 -15.35 5.03
C MET B 174 1.14 -13.84 5.25
N MET B 175 0.04 -13.13 4.96
CA MET B 175 0.00 -11.67 5.24
C MET B 175 0.16 -11.44 6.74
N GLY B 176 -0.54 -12.23 7.55
CA GLY B 176 -0.44 -12.13 8.99
C GLY B 176 0.97 -12.36 9.48
N GLU B 177 1.58 -13.45 9.03
CA GLU B 177 2.94 -13.82 9.42
C GLU B 177 3.97 -12.74 9.04
N THR B 178 3.87 -12.23 7.82
CA THR B 178 4.72 -11.13 7.32
C THR B 178 4.59 -9.91 8.25
N ILE B 179 3.35 -9.53 8.53
CA ILE B 179 3.05 -8.43 9.45
C ILE B 179 3.59 -8.71 10.86
N ALA B 180 3.28 -9.88 11.41
CA ALA B 180 3.77 -10.25 12.72
C ALA B 180 5.29 -10.17 12.75
N ALA B 181 5.93 -10.74 11.73
CA ALA B 181 7.40 -10.79 11.68
C ALA B 181 8.03 -9.42 11.57
N ALA B 182 7.37 -8.48 10.88
CA ALA B 182 7.95 -7.16 10.70
C ALA B 182 8.29 -6.49 12.03
N THR B 183 7.63 -6.91 13.13
CA THR B 183 8.07 -6.54 14.49
C THR B 183 8.51 -7.73 15.37
N GLY B 184 9.20 -8.69 14.75
CA GLY B 184 9.84 -9.84 15.45
C GLY B 184 8.88 -10.73 16.23
N ARG B 185 7.61 -10.72 15.80
CA ARG B 185 6.54 -11.40 16.52
C ARG B 185 6.07 -12.63 15.77
N SER B 186 5.23 -13.39 16.47
CA SER B 186 4.58 -14.55 15.90
C SER B 186 3.08 -14.33 15.87
N LEU B 187 2.46 -14.94 14.87
CA LEU B 187 1.03 -14.83 14.69
C LEU B 187 0.32 -15.60 15.81
N ASP B 188 0.92 -16.71 16.25
CA ASP B 188 0.40 -17.50 17.37
C ASP B 188 0.23 -16.71 18.68
N ASP B 189 1.00 -15.64 18.80
CA ASP B 189 0.88 -14.71 19.93
C ASP B 189 -0.27 -13.71 19.82
N CYS B 190 -0.68 -13.37 18.61
CA CYS B 190 -1.57 -12.21 18.48
C CYS B 190 -2.80 -12.42 17.60
N ALA B 191 -2.94 -13.61 17.00
CA ALA B 191 -4.05 -13.79 16.06
C ALA B 191 -5.38 -14.03 16.75
N VAL B 192 -6.43 -13.38 16.23
CA VAL B 192 -7.81 -13.63 16.63
C VAL B 192 -8.58 -13.92 15.34
N TYR B 193 -9.20 -15.09 15.27
CA TYR B 193 -9.87 -15.53 14.06
C TYR B 193 -11.40 -15.55 14.24
N GLY B 194 -12.10 -14.75 13.45
CA GLY B 194 -13.56 -14.76 13.40
C GLY B 194 -14.25 -14.45 14.73
N ARG B 195 -13.98 -13.29 15.30
CA ARG B 195 -14.55 -12.97 16.60
C ARG B 195 -16.09 -13.01 16.60
N HIS B 196 -16.66 -13.33 17.75
CA HIS B 196 -18.10 -13.42 17.94
C HIS B 196 -18.44 -13.51 19.39
N GLY B 197 -19.48 -12.80 19.81
CA GLY B 197 -19.89 -12.75 21.21
C GLY B 197 -19.28 -11.52 21.89
N VAL B 198 -19.26 -11.51 23.23
CA VAL B 198 -18.55 -10.49 24.00
C VAL B 198 -17.03 -10.70 23.89
N THR B 199 -16.34 -9.85 23.14
CA THR B 199 -14.88 -9.99 23.00
C THR B 199 -14.07 -8.95 23.78
N GLY B 200 -14.75 -7.91 24.29
CA GLY B 200 -14.09 -6.86 25.09
C GLY B 200 -13.20 -5.89 24.32
N GLU B 201 -12.49 -5.06 25.09
CA GLU B 201 -11.53 -4.11 24.54
C GLU B 201 -10.52 -4.85 23.67
N ARG B 202 -10.36 -4.40 22.43
CA ARG B 202 -9.38 -4.96 21.51
C ARG B 202 -7.99 -4.65 22.03
N ASP B 203 -7.13 -5.67 22.10
CA ASP B 203 -5.74 -5.43 22.46
C ASP B 203 -5.03 -4.80 21.28
N PRO B 204 -4.22 -3.74 21.51
CA PRO B 204 -3.59 -3.05 20.37
C PRO B 204 -2.68 -3.97 19.54
N SER B 205 -2.16 -5.04 20.14
CA SER B 205 -1.25 -5.95 19.42
CA SER B 205 -1.26 -5.91 19.37
C SER B 205 -1.97 -7.01 18.56
N THR B 206 -3.27 -7.17 18.75
CA THR B 206 -4.05 -8.22 18.07
C THR B 206 -4.04 -8.01 16.56
N ILE B 207 -3.94 -9.13 15.84
CA ILE B 207 -4.22 -9.15 14.39
C ILE B 207 -5.48 -9.97 14.21
N GLY B 208 -6.55 -9.33 13.78
CA GLY B 208 -7.84 -9.99 13.73
C GLY B 208 -8.16 -10.35 12.30
N PHE B 209 -8.60 -11.59 12.13
CA PHE B 209 -8.89 -12.15 10.83
C PHE B 209 -10.40 -12.29 10.63
N SER B 210 -10.87 -11.84 9.47
CA SER B 210 -12.27 -12.02 9.03
C SER B 210 -12.31 -12.76 7.66
N ALA B 211 -13.18 -13.76 7.57
CA ALA B 211 -13.24 -14.60 6.39
C ALA B 211 -14.66 -14.62 5.83
N ILE B 212 -14.82 -14.00 4.67
CA ILE B 212 -16.10 -13.86 3.97
C ILE B 212 -16.21 -14.98 2.95
N ARG B 213 -17.35 -15.64 2.86
CA ARG B 213 -17.49 -16.78 1.97
C ARG B 213 -18.77 -16.65 1.16
N GLY B 214 -18.65 -16.77 -0.16
CA GLY B 214 -19.87 -16.75 -0.98
C GLY B 214 -19.65 -16.58 -2.45
N GLY B 215 -20.65 -16.98 -3.24
CA GLY B 215 -20.62 -16.86 -4.69
C GLY B 215 -19.43 -17.59 -5.30
N ASP B 216 -18.83 -17.01 -6.33
CA ASP B 216 -17.63 -17.58 -6.94
C ASP B 216 -16.45 -16.61 -6.83
N ILE B 217 -16.43 -15.84 -5.75
CA ILE B 217 -15.35 -14.90 -5.48
C ILE B 217 -13.98 -15.59 -5.59
N VAL B 218 -13.13 -15.10 -6.48
CA VAL B 218 -11.83 -15.75 -6.72
C VAL B 218 -10.85 -15.50 -5.57
N GLY B 219 -10.89 -14.30 -4.99
CA GLY B 219 -10.03 -14.03 -3.85
C GLY B 219 -9.64 -12.57 -3.66
N ASP B 220 -10.18 -11.95 -2.62
CA ASP B 220 -9.86 -10.57 -2.27
C ASP B 220 -9.19 -10.63 -0.91
N HIS B 221 -8.16 -9.81 -0.72
CA HIS B 221 -7.43 -9.77 0.58
C HIS B 221 -7.17 -8.30 0.87
N THR B 222 -7.60 -7.84 2.04
CA THR B 222 -7.42 -6.45 2.51
C THR B 222 -6.71 -6.47 3.86
N VAL B 223 -5.66 -5.66 4.00
CA VAL B 223 -5.09 -5.42 5.32
C VAL B 223 -5.50 -3.97 5.65
N LEU B 224 -6.23 -3.86 6.76
CA LEU B 224 -6.68 -2.61 7.29
C LEU B 224 -5.77 -2.18 8.45
N PHE B 225 -5.21 -0.97 8.36
CA PHE B 225 -4.58 -0.37 9.55
C PHE B 225 -5.50 0.70 10.12
N ALA B 226 -6.16 0.37 11.22
CA ALA B 226 -7.21 1.26 11.75
C ALA B 226 -6.67 2.10 12.89
N GLY B 227 -6.60 3.40 12.66
CA GLY B 227 -5.97 4.30 13.62
C GLY B 227 -6.97 5.32 14.10
N ILE B 228 -6.51 6.19 14.99
CA ILE B 228 -7.38 7.24 15.57
C ILE B 228 -7.58 8.32 14.49
N GLY B 229 -8.81 8.41 13.98
CA GLY B 229 -9.14 9.45 12.98
C GLY B 229 -8.88 9.07 11.51
N GLU B 230 -8.31 7.88 11.29
CA GLU B 230 -7.87 7.50 9.94
C GLU B 230 -7.66 6.00 9.80
N ARG B 231 -7.74 5.55 8.55
CA ARG B 231 -7.51 4.18 8.16
C ARG B 231 -6.68 4.14 6.88
N ILE B 232 -5.82 3.14 6.80
CA ILE B 232 -5.02 2.92 5.62
C ILE B 232 -5.29 1.46 5.22
N GLU B 233 -5.66 1.24 3.96
CA GLU B 233 -6.00 -0.12 3.50
C GLU B 233 -5.13 -0.50 2.31
N ILE B 234 -4.60 -1.73 2.35
CA ILE B 234 -3.83 -2.26 1.27
C ILE B 234 -4.58 -3.51 0.81
N THR B 235 -5.11 -3.45 -0.41
CA THR B 235 -5.99 -4.48 -0.94
C THR B 235 -5.50 -5.13 -2.27
N HIS B 236 -5.57 -6.45 -2.30
CA HIS B 236 -5.32 -7.18 -3.52
C HIS B 236 -6.58 -7.93 -3.92
N LYS B 237 -6.95 -7.79 -5.18
CA LYS B 237 -8.14 -8.43 -5.75
C LYS B 237 -7.70 -9.27 -6.91
N SER B 238 -7.97 -10.58 -6.85
CA SER B 238 -7.70 -11.47 -7.95
C SER B 238 -8.98 -11.68 -8.73
N ALA B 239 -9.00 -11.35 -10.01
CA ALA B 239 -10.21 -11.60 -10.83
C ALA B 239 -10.26 -13.03 -11.40
N SER B 240 -9.09 -13.64 -11.64
CA SER B 240 -8.96 -14.94 -12.31
C SER B 240 -7.50 -15.37 -12.42
N ARG B 241 -7.28 -16.60 -12.88
CA ARG B 241 -5.91 -17.10 -13.05
C ARG B 241 -5.08 -16.40 -14.15
N VAL B 242 -5.71 -15.57 -14.98
CA VAL B 242 -5.01 -14.77 -16.01
C VAL B 242 -3.81 -13.99 -15.42
N SER B 243 -3.92 -13.56 -14.16
CA SER B 243 -2.80 -12.86 -13.52
C SER B 243 -1.55 -13.73 -13.32
N TYR B 244 -1.72 -15.03 -13.12
CA TYR B 244 -0.61 -15.98 -13.05
C TYR B 244 0.09 -16.16 -14.41
N ALA B 245 -0.66 -15.98 -15.48
CA ALA B 245 -0.12 -16.05 -16.83
C ALA B 245 0.78 -14.87 -17.09
N GLN B 246 0.40 -13.71 -16.56
CA GLN B 246 1.24 -12.51 -16.65
C GLN B 246 2.54 -12.73 -15.85
N GLY B 247 2.42 -13.32 -14.67
CA GLY B 247 3.59 -13.59 -13.81
C GLY B 247 4.52 -14.61 -14.42
N ALA B 248 3.94 -15.61 -15.08
CA ALA B 248 4.72 -16.63 -15.76
C ALA B 248 5.59 -16.03 -16.85
N LEU B 249 5.04 -15.08 -17.60
CA LEU B 249 5.84 -14.37 -18.57
C LEU B 249 6.99 -13.59 -17.91
N ARG B 250 6.75 -12.93 -16.78
CA ARG B 250 7.88 -12.27 -16.08
C ARG B 250 8.89 -13.32 -15.62
N ALA B 251 8.41 -14.48 -15.17
CA ALA B 251 9.31 -15.58 -14.80
C ALA B 251 10.20 -16.01 -15.98
N ALA B 252 9.59 -16.17 -17.16
CA ALA B 252 10.34 -16.52 -18.34
C ALA B 252 11.40 -15.45 -18.63
N ARG B 253 11.04 -14.18 -18.51
CA ARG B 253 11.99 -13.08 -18.77
C ARG B 253 13.17 -13.11 -17.85
N PHE B 254 12.91 -13.37 -16.55
CA PHE B 254 13.94 -13.52 -15.56
C PHE B 254 14.83 -14.69 -15.94
N LEU B 255 14.21 -15.81 -16.35
CA LEU B 255 14.99 -17.02 -16.61
C LEU B 255 15.92 -16.85 -17.82
N ALA B 256 15.61 -15.88 -18.69
CA ALA B 256 16.39 -15.69 -19.93
C ALA B 256 17.84 -15.40 -19.57
N GLY B 257 18.05 -14.69 -18.46
CA GLY B 257 19.39 -14.34 -17.99
C GLY B 257 20.13 -15.44 -17.21
N ARG B 258 19.43 -16.51 -16.83
CA ARG B 258 19.99 -17.50 -15.91
C ARG B 258 20.39 -18.79 -16.60
N ASP B 259 21.52 -19.37 -16.18
CA ASP B 259 21.99 -20.63 -16.73
C ASP B 259 21.31 -21.82 -16.03
N ALA B 260 21.50 -21.98 -14.73
CA ALA B 260 20.81 -23.03 -13.99
C ALA B 260 20.39 -22.44 -12.65
N GLY B 261 19.56 -23.16 -11.89
CA GLY B 261 19.14 -22.69 -10.59
C GLY B 261 17.65 -22.83 -10.33
N PHE B 262 17.32 -23.08 -9.06
CA PHE B 262 15.94 -23.07 -8.56
C PHE B 262 15.53 -21.66 -8.09
N PHE B 263 14.47 -21.10 -8.67
CA PHE B 263 14.01 -19.73 -8.30
C PHE B 263 12.51 -19.66 -8.00
N ASP B 264 12.12 -18.70 -7.16
CA ASP B 264 10.69 -18.39 -6.94
C ASP B 264 10.34 -16.96 -7.41
N MET B 265 9.11 -16.51 -7.16
CA MET B 265 8.69 -15.16 -7.64
C MET B 265 9.43 -14.04 -6.96
N GLN B 266 9.88 -14.24 -5.75
CA GLN B 266 10.76 -13.26 -5.09
C GLN B 266 12.00 -12.93 -5.93
N ASP B 267 12.65 -13.97 -6.42
CA ASP B 267 13.83 -13.78 -7.26
C ASP B 267 13.40 -13.11 -8.54
N VAL B 268 12.27 -13.58 -9.09
CA VAL B 268 11.81 -13.08 -10.37
C VAL B 268 11.63 -11.57 -10.35
N LEU B 269 10.97 -11.08 -9.29
CA LEU B 269 10.61 -9.67 -9.13
C LEU B 269 11.66 -8.85 -8.37
N GLY B 270 12.73 -9.50 -7.91
CA GLY B 270 13.85 -8.81 -7.25
C GLY B 270 13.46 -8.32 -5.88
N LEU B 271 12.81 -9.18 -5.08
CA LEU B 271 12.21 -8.70 -3.84
C LEU B 271 12.90 -9.14 -2.57
N ARG B 272 13.62 -10.26 -2.62
CA ARG B 272 14.23 -10.79 -1.38
C ARG B 272 15.52 -10.09 -0.96
NA NA C . -1.63 13.64 29.33
CL CL D . -7.84 7.69 -20.32
UNK UNX E . 19.13 26.32 22.23
UNK UNX F . 19.39 27.07 20.51
UNK UNX G . 16.82 26.00 21.20
UNK UNX H . 18.00 25.45 23.97
UNK UNX I . 20.35 24.79 24.21
NA NA J . 4.19 -6.47 13.72
NA NA K . 4.13 -12.76 -28.60
CL CL L . 0.14 -31.47 -21.14
UNK UNX M . 23.30 -26.27 -16.65
UNK UNX N . 21.27 -25.01 -17.94
UNK UNX O . 23.25 -23.56 -19.89
UNK UNX P . 25.72 -24.52 -18.48
UNK UNX Q . 23.65 -25.06 -18.26
#